data_5ZVP
#
_entry.id   5ZVP
#
_cell.length_a   53.815
_cell.length_b   53.815
_cell.length_c   62.789
_cell.angle_alpha   90.00
_cell.angle_beta   90.00
_cell.angle_gamma   90.00
#
_symmetry.space_group_name_H-M   'P 43'
#
loop_
_entity.id
_entity.type
_entity.pdbx_description
1 polymer 'Rho GTPase Rho1'
2 non-polymer "GUANOSINE-5'-DIPHOSPHATE"
3 non-polymer 'MAGNESIUM ION'
4 non-polymer 'SULFATE ION'
5 water water
#
_entity_poly.entity_id   1
_entity_poly.type   'polypeptide(L)'
_entity_poly.pdbx_seq_one_letter_code
;MAEIRRKLVIVGDGACGKTCLLIVNSKGTFPEVYVPTVFENYVADVEVDGKHVELALWDTAGQEDYDRLRPLSYPDSHVI
LICFAIDSPDSLDNVQEKWISEVLHFCQGLPIILVGCKKDLRHDPKTIEELHKTSQKPVTPEQGEEVRKKIGAYKYLECS
ARTNEGVREVFEAATRAALLT
;
_entity_poly.pdbx_strand_id   A
#
loop_
_chem_comp.id
_chem_comp.type
_chem_comp.name
_chem_comp.formula
GDP RNA linking GUANOSINE-5'-DIPHOSPHATE 'C10 H15 N5 O11 P2'
MG non-polymer 'MAGNESIUM ION' 'Mg 2'
SO4 non-polymer 'SULFATE ION' 'O4 S -2'
#
# COMPACT_ATOMS: atom_id res chain seq x y z
N MET A 1 27.52 -0.79 11.33
CA MET A 1 28.66 -1.46 10.62
C MET A 1 28.39 -1.44 9.13
N ALA A 2 27.20 -1.92 8.79
CA ALA A 2 26.69 -1.97 7.44
C ALA A 2 25.26 -2.47 7.59
N GLU A 3 24.36 -1.53 7.86
CA GLU A 3 22.94 -1.85 8.07
C GLU A 3 22.42 -2.55 6.80
N ILE A 4 21.52 -3.51 6.92
CA ILE A 4 20.80 -4.03 5.72
C ILE A 4 19.83 -2.90 5.22
N ARG A 5 19.93 -2.56 3.93
CA ARG A 5 18.99 -1.58 3.32
C ARG A 5 18.21 -2.27 2.21
N ARG A 6 16.90 -1.92 2.20
CA ARG A 6 16.01 -2.35 1.11
C ARG A 6 15.12 -1.17 0.67
N LYS A 7 14.54 -1.26 -0.50
CA LYS A 7 13.67 -0.22 -1.05
C LYS A 7 12.26 -0.76 -1.26
N LEU A 8 11.24 0.04 -0.86
CA LEU A 8 9.84 -0.18 -1.04
C LEU A 8 9.23 0.96 -1.84
N VAL A 9 8.38 0.61 -2.80
CA VAL A 9 7.52 1.57 -3.53
C VAL A 9 6.07 1.21 -3.29
N ILE A 10 5.26 2.25 -3.06
CA ILE A 10 3.84 2.07 -2.81
C ILE A 10 3.04 2.76 -3.89
N VAL A 11 2.12 2.03 -4.53
CA VAL A 11 1.30 2.56 -5.60
C VAL A 11 -0.12 2.17 -5.39
N GLY A 12 -1.03 2.84 -6.09
CA GLY A 12 -2.48 2.56 -6.01
C GLY A 12 -3.28 3.81 -6.29
N ASP A 13 -4.59 3.64 -6.45
CA ASP A 13 -5.46 4.78 -6.80
C ASP A 13 -5.26 5.93 -5.85
N GLY A 14 -5.47 7.17 -6.41
CA GLY A 14 -5.49 8.37 -5.60
C GLY A 14 -6.54 8.26 -4.49
N ALA A 15 -6.18 8.77 -3.34
CA ALA A 15 -7.00 8.79 -2.13
C ALA A 15 -7.29 7.49 -1.54
N CYS A 16 -6.50 6.48 -1.90
CA CYS A 16 -6.79 5.16 -1.27
C CYS A 16 -6.14 5.02 0.11
N GLY A 17 -5.27 5.93 0.51
CA GLY A 17 -4.62 5.97 1.84
C GLY A 17 -3.14 5.68 1.89
N LYS A 18 -2.39 5.81 0.77
CA LYS A 18 -1.00 5.49 0.74
C LYS A 18 -0.17 6.41 1.64
N THR A 19 -0.33 7.75 1.46
CA THR A 19 0.49 8.69 2.21
C THR A 19 0.21 8.57 3.70
N CYS A 20 -1.05 8.47 4.09
CA CYS A 20 -1.34 8.34 5.55
C CYS A 20 -0.74 7.07 6.13
N LEU A 21 -0.75 5.96 5.35
CA LEU A 21 -0.17 4.71 5.80
C LEU A 21 1.34 4.90 6.08
N LEU A 22 2.03 5.57 5.15
CA LEU A 22 3.41 5.90 5.39
C LEU A 22 3.63 6.78 6.61
N ILE A 23 2.82 7.80 6.72
CA ILE A 23 2.98 8.72 7.88
C ILE A 23 2.76 8.01 9.19
N VAL A 24 1.74 7.18 9.30
CA VAL A 24 1.50 6.51 10.57
C VAL A 24 2.61 5.57 10.91
N ASN A 25 3.11 4.84 9.92
CA ASN A 25 4.19 3.94 10.18
C ASN A 25 5.42 4.66 10.65
N SER A 26 5.68 5.81 10.05
CA SER A 26 6.98 6.51 10.19
C SER A 26 6.97 7.41 11.41
N LYS A 27 5.93 8.21 11.55
CA LYS A 27 5.85 9.31 12.48
C LYS A 27 4.98 8.92 13.65
N GLY A 28 4.12 7.94 13.46
CA GLY A 28 3.41 7.35 14.50
C GLY A 28 2.07 7.94 14.78
N THR A 29 1.65 9.02 14.12
CA THR A 29 0.34 9.67 14.38
C THR A 29 -0.42 9.99 13.08
N PHE A 30 -1.72 9.79 13.06
CA PHE A 30 -2.50 9.92 11.83
C PHE A 30 -2.65 11.41 11.56
N PRO A 31 -2.44 11.85 10.32
CA PRO A 31 -2.51 13.30 10.10
C PRO A 31 -3.91 13.79 9.87
N GLU A 32 -4.45 14.58 10.80
CA GLU A 32 -5.89 14.94 10.76
C GLU A 32 -6.17 16.12 9.89
N VAL A 33 -5.15 16.94 9.61
CA VAL A 33 -5.42 18.26 8.94
C VAL A 33 -4.66 18.29 7.59
N TYR A 34 -3.35 18.41 7.61
CA TYR A 34 -2.58 18.59 6.38
C TYR A 34 -2.04 17.17 6.00
N VAL A 35 -2.29 16.74 4.76
CA VAL A 35 -1.66 15.51 4.20
C VAL A 35 -1.00 15.95 2.90
N PRO A 36 0.30 15.74 2.73
CA PRO A 36 0.91 16.06 1.49
C PRO A 36 0.50 15.07 0.40
N THR A 37 0.66 15.38 -0.87
CA THR A 37 0.31 14.52 -1.95
C THR A 37 1.17 13.23 -1.85
N VAL A 38 2.45 13.38 -1.62
CA VAL A 38 3.38 12.33 -1.37
C VAL A 38 4.19 12.59 -0.14
N PHE A 39 4.48 11.55 0.65
CA PHE A 39 5.32 11.66 1.82
C PHE A 39 6.76 11.98 1.35
N GLU A 40 7.47 12.70 2.20
CA GLU A 40 8.96 12.92 2.03
C GLU A 40 9.69 11.57 1.80
N ASN A 41 10.72 11.34 0.91
CA ASN A 41 11.49 10.06 0.97
C ASN A 41 12.05 10.05 2.45
N TYR A 42 11.94 8.86 2.93
CA TYR A 42 12.15 8.56 4.34
C TYR A 42 12.71 7.13 4.40
N VAL A 43 13.59 6.89 5.32
CA VAL A 43 14.13 5.55 5.57
C VAL A 43 13.59 5.09 6.91
N ALA A 44 12.75 4.06 6.90
CA ALA A 44 12.13 3.48 8.09
C ALA A 44 13.09 2.46 8.70
N ASP A 45 13.16 2.42 10.01
CA ASP A 45 13.81 1.31 10.74
C ASP A 45 12.76 0.25 11.04
N VAL A 46 12.99 -0.99 10.57
CA VAL A 46 12.04 -2.02 10.78
C VAL A 46 12.76 -3.16 11.50
N GLU A 47 12.23 -3.56 12.68
CA GLU A 47 12.81 -4.69 13.38
C GLU A 47 12.01 -5.93 12.99
N VAL A 48 12.61 -6.91 12.37
CA VAL A 48 11.92 -8.11 11.96
C VAL A 48 12.82 -9.29 12.18
N ASP A 49 12.29 -10.33 12.84
CA ASP A 49 12.94 -11.62 12.96
C ASP A 49 14.34 -11.43 13.50
N GLY A 50 14.49 -10.52 14.45
CA GLY A 50 15.79 -10.33 15.06
C GLY A 50 16.81 -9.50 14.29
N LYS A 51 16.38 -8.88 13.18
CA LYS A 51 17.26 -8.07 12.33
C LYS A 51 16.73 -6.63 12.29
N HIS A 52 17.65 -5.71 12.18
CA HIS A 52 17.34 -4.30 11.94
C HIS A 52 17.51 -4.06 10.46
N VAL A 53 16.42 -3.68 9.80
CA VAL A 53 16.50 -3.38 8.40
C VAL A 53 16.08 -1.90 8.22
N GLU A 54 16.82 -1.25 7.34
CA GLU A 54 16.45 0.13 6.87
C GLU A 54 15.62 -0.02 5.59
N LEU A 55 14.42 0.48 5.57
CA LEU A 55 13.51 0.35 4.41
C LEU A 55 13.27 1.74 3.88
N ALA A 56 13.79 2.04 2.72
CA ALA A 56 13.48 3.28 2.07
C ALA A 56 12.13 3.32 1.46
N LEU A 57 11.28 4.28 1.83
CA LEU A 57 9.86 4.35 1.46
C LEU A 57 9.67 5.34 0.36
N TRP A 58 9.23 4.86 -0.76
CA TRP A 58 8.98 5.71 -1.99
C TRP A 58 7.49 5.81 -2.28
N ASP A 59 6.89 6.94 -1.95
CA ASP A 59 5.46 7.24 -2.20
C ASP A 59 5.27 7.73 -3.61
N THR A 60 4.11 7.51 -4.15
CA THR A 60 3.79 7.89 -5.56
C THR A 60 2.40 8.42 -5.64
N ALA A 61 2.09 9.09 -6.76
CA ALA A 61 0.75 9.61 -7.01
C ALA A 61 0.45 9.59 -8.52
N GLY A 62 -0.71 10.12 -8.90
CA GLY A 62 -1.03 10.23 -10.32
C GLY A 62 -1.46 11.63 -10.80
N GLN A 63 -1.89 12.44 -9.88
CA GLN A 63 -2.42 13.78 -10.32
C GLN A 63 -1.27 14.58 -10.88
N GLU A 64 -1.57 15.58 -11.70
CA GLU A 64 -0.53 16.49 -12.18
C GLU A 64 0.54 15.72 -12.92
N ASP A 65 1.82 15.97 -12.66
CA ASP A 65 2.83 15.27 -13.34
C ASP A 65 3.27 14.03 -12.59
N TYR A 66 2.60 13.69 -11.48
CA TYR A 66 3.07 12.51 -10.72
C TYR A 66 2.95 11.24 -11.49
N ASP A 67 1.97 11.11 -12.42
CA ASP A 67 1.91 9.90 -13.14
C ASP A 67 3.14 9.74 -14.00
N ARG A 68 3.51 10.83 -14.65
CA ARG A 68 4.65 10.85 -15.56
C ARG A 68 5.95 10.57 -14.80
N LEU A 69 6.00 11.04 -13.56
CA LEU A 69 7.16 10.82 -12.69
C LEU A 69 7.20 9.50 -12.02
N ARG A 70 6.07 8.80 -11.93
CA ARG A 70 6.04 7.54 -11.22
C ARG A 70 7.00 6.47 -11.63
N PRO A 71 7.28 6.26 -12.96
CA PRO A 71 8.23 5.28 -13.38
C PRO A 71 9.63 5.47 -12.80
N LEU A 72 9.99 6.72 -12.44
CA LEU A 72 11.28 6.99 -11.88
C LEU A 72 11.40 6.51 -10.46
N SER A 73 10.31 6.10 -9.85
CA SER A 73 10.39 5.50 -8.51
C SER A 73 10.74 4.02 -8.50
N TYR A 74 10.49 3.30 -9.59
CA TYR A 74 10.63 1.83 -9.59
C TYR A 74 12.02 1.23 -9.60
N PRO A 75 13.05 1.92 -10.17
CA PRO A 75 14.29 1.19 -10.28
C PRO A 75 14.93 0.74 -8.97
N ASP A 76 15.49 -0.45 -8.98
CA ASP A 76 16.26 -0.95 -7.83
C ASP A 76 15.40 -1.15 -6.59
N SER A 77 14.10 -1.41 -6.79
CA SER A 77 13.19 -1.79 -5.73
C SER A 77 13.36 -3.21 -5.28
N HIS A 78 12.91 -3.51 -4.08
CA HIS A 78 12.88 -4.87 -3.55
C HIS A 78 11.53 -5.44 -3.27
N VAL A 79 10.55 -4.56 -3.07
CA VAL A 79 9.18 -4.92 -2.74
C VAL A 79 8.22 -3.82 -3.16
N ILE A 80 7.07 -4.19 -3.67
CA ILE A 80 6.06 -3.25 -4.14
C ILE A 80 4.80 -3.49 -3.37
N LEU A 81 4.18 -2.42 -2.89
CA LEU A 81 2.87 -2.41 -2.30
C LEU A 81 1.88 -1.88 -3.32
N ILE A 82 0.90 -2.68 -3.69
CA ILE A 82 -0.21 -2.17 -4.47
C ILE A 82 -1.36 -2.06 -3.52
N CYS A 83 -1.90 -0.86 -3.41
CA CYS A 83 -2.99 -0.51 -2.45
C CYS A 83 -4.30 -0.26 -3.11
N PHE A 84 -5.40 -0.54 -2.39
CA PHE A 84 -6.73 -0.10 -2.71
C PHE A 84 -7.40 0.24 -1.39
N ALA A 85 -8.55 0.89 -1.44
CA ALA A 85 -9.29 1.22 -0.20
C ALA A 85 -10.51 0.29 -0.08
N ILE A 86 -10.72 -0.27 1.12
CA ILE A 86 -11.83 -1.18 1.37
C ILE A 86 -13.19 -0.52 1.18
N ASP A 87 -13.26 0.80 1.30
CA ASP A 87 -14.54 1.51 1.04
C ASP A 87 -14.72 1.81 -0.42
N SER A 88 -13.84 1.33 -1.29
CA SER A 88 -13.97 1.64 -2.74
C SER A 88 -13.71 0.39 -3.55
N PRO A 89 -14.71 -0.40 -3.85
CA PRO A 89 -14.53 -1.45 -4.74
C PRO A 89 -13.96 -1.03 -6.11
N ASP A 90 -14.22 0.20 -6.61
CA ASP A 90 -13.63 0.63 -7.85
C ASP A 90 -12.07 0.59 -7.80
N SER A 91 -11.56 0.95 -6.65
CA SER A 91 -10.11 0.96 -6.49
C SER A 91 -9.54 -0.39 -6.45
N LEU A 92 -10.32 -1.37 -5.98
CA LEU A 92 -9.86 -2.77 -6.14
C LEU A 92 -9.89 -3.27 -7.61
N ASP A 93 -10.96 -2.89 -8.32
CA ASP A 93 -11.00 -3.27 -9.73
C ASP A 93 -9.81 -2.68 -10.48
N ASN A 94 -9.33 -1.49 -10.12
CA ASN A 94 -8.16 -0.91 -10.79
C ASN A 94 -6.84 -1.68 -10.53
N VAL A 95 -6.76 -2.44 -9.43
CA VAL A 95 -5.60 -3.27 -9.23
C VAL A 95 -5.34 -4.20 -10.44
N GLN A 96 -6.38 -4.87 -10.96
CA GLN A 96 -6.22 -5.73 -12.09
C GLN A 96 -6.19 -4.95 -13.37
N GLU A 97 -7.01 -3.95 -13.50
CA GLU A 97 -7.14 -3.28 -14.79
C GLU A 97 -5.99 -2.38 -15.08
N LYS A 98 -5.31 -1.80 -14.06
CA LYS A 98 -4.28 -0.82 -14.30
C LYS A 98 -2.94 -1.19 -13.60
N TRP A 99 -3.01 -1.44 -12.26
CA TRP A 99 -1.77 -1.45 -11.49
C TRP A 99 -0.87 -2.63 -11.70
N ILE A 100 -1.46 -3.84 -11.82
CA ILE A 100 -0.60 -5.01 -11.98
C ILE A 100 0.19 -4.89 -13.27
N SER A 101 -0.39 -4.42 -14.35
CA SER A 101 0.35 -4.35 -15.60
C SER A 101 1.46 -3.35 -15.51
N GLU A 102 1.27 -2.23 -14.85
CA GLU A 102 2.31 -1.26 -14.64
C GLU A 102 3.43 -1.83 -13.84
N VAL A 103 3.08 -2.39 -12.70
CA VAL A 103 4.11 -2.95 -11.79
C VAL A 103 4.88 -4.05 -12.43
N LEU A 104 4.24 -4.93 -13.16
CA LEU A 104 4.96 -6.00 -13.84
C LEU A 104 5.88 -5.47 -14.96
N HIS A 105 5.52 -4.40 -15.60
CA HIS A 105 6.34 -3.79 -16.62
C HIS A 105 7.67 -3.28 -16.09
N PHE A 106 7.64 -2.66 -14.93
CA PHE A 106 8.81 -2.00 -14.40
C PHE A 106 9.54 -2.83 -13.34
N CYS A 107 8.90 -3.81 -12.76
CA CYS A 107 9.36 -4.55 -11.57
C CYS A 107 9.15 -6.03 -11.70
N GLN A 108 9.42 -6.56 -12.90
CA GLN A 108 9.28 -8.00 -13.06
C GLN A 108 10.09 -8.79 -12.04
N GLY A 109 9.45 -9.77 -11.46
CA GLY A 109 10.14 -10.59 -10.45
C GLY A 109 10.19 -10.11 -9.00
N LEU A 110 9.68 -8.94 -8.71
CA LEU A 110 9.70 -8.49 -7.31
C LEU A 110 8.43 -8.94 -6.62
N PRO A 111 8.50 -9.21 -5.33
CA PRO A 111 7.31 -9.56 -4.58
C PRO A 111 6.36 -8.32 -4.44
N ILE A 112 5.08 -8.60 -4.53
CA ILE A 112 4.05 -7.55 -4.42
C ILE A 112 3.19 -7.84 -3.22
N ILE A 113 3.03 -6.89 -2.31
CA ILE A 113 2.06 -7.05 -1.24
C ILE A 113 0.80 -6.28 -1.61
N LEU A 114 -0.36 -6.95 -1.66
CA LEU A 114 -1.62 -6.29 -1.90
C LEU A 114 -2.15 -5.82 -0.58
N VAL A 115 -2.44 -4.53 -0.47
CA VAL A 115 -2.82 -3.87 0.79
C VAL A 115 -4.17 -3.25 0.66
N GLY A 116 -5.13 -3.75 1.44
CA GLY A 116 -6.45 -3.11 1.57
C GLY A 116 -6.40 -2.15 2.69
N CYS A 117 -6.57 -0.85 2.36
CA CYS A 117 -6.50 0.26 3.29
C CYS A 117 -7.87 0.69 3.77
N LYS A 118 -7.85 1.48 4.82
CA LYS A 118 -9.09 2.05 5.41
C LYS A 118 -10.03 0.94 5.93
N LYS A 119 -9.45 -0.05 6.57
CA LYS A 119 -10.22 -1.18 7.10
C LYS A 119 -11.30 -0.71 8.04
N ASP A 120 -11.02 0.37 8.74
CA ASP A 120 -11.95 0.89 9.74
C ASP A 120 -13.27 1.26 9.11
N LEU A 121 -13.34 1.43 7.78
CA LEU A 121 -14.57 1.81 7.10
C LEU A 121 -15.47 0.63 6.68
N ARG A 122 -15.05 -0.57 6.93
CA ARG A 122 -15.78 -1.71 6.43
C ARG A 122 -17.25 -1.77 6.99
N HIS A 123 -17.41 -1.46 8.23
CA HIS A 123 -18.76 -1.44 8.79
C HIS A 123 -19.25 -0.05 9.09
N ASP A 124 -18.69 0.99 8.48
CA ASP A 124 -18.99 2.39 8.82
C ASP A 124 -20.32 2.81 8.23
N PRO A 125 -21.25 3.31 9.09
CA PRO A 125 -22.58 3.47 8.51
C PRO A 125 -22.70 4.41 7.33
N LYS A 126 -22.02 5.52 7.36
CA LYS A 126 -22.09 6.44 6.24
C LYS A 126 -21.51 5.80 4.97
N THR A 127 -20.37 5.07 5.12
CA THR A 127 -19.83 4.33 3.97
C THR A 127 -20.77 3.31 3.40
N ILE A 128 -21.42 2.55 4.27
CA ILE A 128 -22.36 1.52 3.83
C ILE A 128 -23.55 2.16 3.09
N GLU A 129 -24.09 3.23 3.61
CA GLU A 129 -25.19 3.95 2.88
C GLU A 129 -24.76 4.57 1.55
N GLU A 130 -23.58 5.17 1.47
CA GLU A 130 -23.12 5.71 0.24
C GLU A 130 -22.97 4.63 -0.82
N LEU A 131 -22.30 3.52 -0.47
CA LEU A 131 -22.16 2.45 -1.43
C LEU A 131 -23.52 1.73 -1.86
N HIS A 132 -24.50 1.66 -0.95
CA HIS A 132 -25.86 1.09 -1.25
C HIS A 132 -26.56 1.88 -2.33
N LYS A 133 -26.24 3.16 -2.48
CA LYS A 133 -26.84 3.91 -3.58
C LYS A 133 -26.47 3.39 -4.98
N THR A 134 -25.30 2.76 -5.16
CA THR A 134 -24.91 2.11 -6.42
C THR A 134 -24.89 0.57 -6.28
N SER A 135 -25.70 0.05 -5.35
CA SER A 135 -25.82 -1.40 -5.07
C SER A 135 -24.46 -2.08 -4.81
N GLN A 136 -23.51 -1.34 -4.19
CA GLN A 136 -22.15 -1.78 -3.87
C GLN A 136 -22.04 -1.95 -2.36
N LYS A 137 -20.95 -2.61 -1.93
CA LYS A 137 -20.67 -2.80 -0.54
C LYS A 137 -19.12 -2.73 -0.38
N PRO A 138 -18.67 -2.55 0.87
CA PRO A 138 -17.23 -2.59 1.10
C PRO A 138 -16.61 -3.87 0.63
N VAL A 139 -15.37 -3.79 0.22
CA VAL A 139 -14.63 -4.99 -0.16
C VAL A 139 -14.53 -5.94 1.04
N THR A 140 -14.80 -7.22 0.80
CA THR A 140 -14.62 -8.21 1.84
C THR A 140 -13.23 -8.76 1.87
N PRO A 141 -12.82 -9.39 2.99
CA PRO A 141 -11.54 -10.02 3.03
C PRO A 141 -11.36 -11.12 1.96
N GLU A 142 -12.40 -11.87 1.65
CA GLU A 142 -12.36 -12.83 0.60
C GLU A 142 -12.14 -12.27 -0.79
N GLN A 143 -12.78 -11.13 -1.01
CA GLN A 143 -12.57 -10.41 -2.30
C GLN A 143 -11.17 -9.93 -2.51
N GLY A 144 -10.60 -9.41 -1.42
CA GLY A 144 -9.19 -9.03 -1.46
C GLY A 144 -8.28 -10.20 -1.72
N GLU A 145 -8.50 -11.30 -1.04
CA GLU A 145 -7.70 -12.51 -1.30
C GLU A 145 -7.87 -13.05 -2.75
N GLU A 146 -9.06 -12.98 -3.30
CA GLU A 146 -9.29 -13.48 -4.63
C GLU A 146 -8.49 -12.61 -5.64
N VAL A 147 -8.45 -11.29 -5.39
CA VAL A 147 -7.60 -10.45 -6.25
C VAL A 147 -6.12 -10.78 -6.10
N ARG A 148 -5.65 -10.95 -4.84
CA ARG A 148 -4.31 -11.41 -4.62
C ARG A 148 -3.91 -12.61 -5.45
N LYS A 149 -4.77 -13.63 -5.41
CA LYS A 149 -4.48 -14.82 -6.21
C LYS A 149 -4.44 -14.50 -7.69
N LYS A 150 -5.41 -13.71 -8.17
CA LYS A 150 -5.39 -13.36 -9.61
C LYS A 150 -4.14 -12.67 -10.11
N ILE A 151 -3.57 -11.81 -9.27
CA ILE A 151 -2.39 -11.01 -9.67
C ILE A 151 -1.08 -11.62 -9.23
N GLY A 152 -1.11 -12.77 -8.55
CA GLY A 152 0.12 -13.40 -8.17
C GLY A 152 0.84 -12.66 -7.05
N ALA A 153 0.10 -11.92 -6.23
CA ALA A 153 0.78 -11.17 -5.22
C ALA A 153 1.29 -12.14 -4.15
N TYR A 154 2.27 -11.71 -3.40
CA TYR A 154 2.97 -12.50 -2.37
C TYR A 154 2.11 -12.66 -1.16
N LYS A 155 1.36 -11.63 -0.77
CA LYS A 155 0.47 -11.69 0.39
C LYS A 155 -0.60 -10.67 0.28
N TYR A 156 -1.71 -10.83 0.91
CA TYR A 156 -2.77 -9.86 1.07
C TYR A 156 -2.88 -9.47 2.54
N LEU A 157 -2.90 -8.16 2.82
CA LEU A 157 -3.03 -7.68 4.19
C LEU A 157 -3.96 -6.52 4.20
N GLU A 158 -4.64 -6.33 5.30
CA GLU A 158 -5.54 -5.18 5.51
C GLU A 158 -5.05 -4.32 6.64
N CYS A 159 -5.33 -3.01 6.58
CA CYS A 159 -4.91 -2.11 7.59
C CYS A 159 -5.77 -0.90 7.64
N SER A 160 -5.62 -0.15 8.74
CA SER A 160 -6.21 1.17 8.92
C SER A 160 -5.21 2.12 9.52
N ALA A 161 -4.78 3.11 8.70
CA ALA A 161 -3.98 4.18 9.25
C ALA A 161 -4.66 4.93 10.38
N ARG A 162 -5.96 5.06 10.28
CA ARG A 162 -6.63 5.89 11.29
C ARG A 162 -6.58 5.19 12.61
N THR A 163 -6.83 3.89 12.70
CA THR A 163 -6.73 3.21 13.99
C THR A 163 -5.42 2.59 14.28
N ASN A 164 -4.52 2.60 13.28
CA ASN A 164 -3.22 1.97 13.30
C ASN A 164 -3.31 0.43 13.17
N GLU A 165 -4.49 -0.17 13.10
CA GLU A 165 -4.66 -1.60 13.00
C GLU A 165 -3.95 -2.15 11.73
N GLY A 166 -3.09 -3.13 11.95
CA GLY A 166 -2.49 -3.87 10.87
C GLY A 166 -1.34 -3.15 10.20
N VAL A 167 -1.00 -1.96 10.62
CA VAL A 167 0.07 -1.18 9.94
C VAL A 167 1.43 -1.85 10.15
N ARG A 168 1.77 -2.21 11.38
CA ARG A 168 3.07 -2.82 11.64
C ARG A 168 3.20 -4.08 10.79
N GLU A 169 2.14 -4.87 10.68
CA GLU A 169 2.17 -6.14 9.95
C GLU A 169 2.48 -5.93 8.44
N VAL A 170 1.91 -4.85 7.90
CA VAL A 170 2.24 -4.48 6.52
C VAL A 170 3.68 -4.33 6.29
N PHE A 171 4.31 -3.51 7.12
CA PHE A 171 5.73 -3.25 6.93
C PHE A 171 6.63 -4.38 7.32
N GLU A 172 6.17 -5.16 8.30
CA GLU A 172 6.98 -6.38 8.67
C GLU A 172 6.89 -7.38 7.44
N ALA A 173 5.73 -7.57 6.82
CA ALA A 173 5.57 -8.48 5.72
C ALA A 173 6.40 -7.99 4.55
N ALA A 174 6.32 -6.68 4.23
CA ALA A 174 7.09 -6.13 3.15
C ALA A 174 8.58 -6.28 3.33
N THR A 175 9.07 -6.08 4.59
CA THR A 175 10.47 -6.25 4.85
C THR A 175 10.90 -7.65 4.69
N ARG A 176 10.07 -8.61 5.20
CA ARG A 176 10.47 -9.99 4.99
C ARG A 176 10.59 -10.36 3.54
N ALA A 177 9.64 -9.88 2.72
CA ALA A 177 9.66 -10.14 1.30
C ALA A 177 10.89 -9.50 0.65
N ALA A 178 11.17 -8.26 1.04
CA ALA A 178 12.32 -7.56 0.45
C ALA A 178 13.61 -8.30 0.78
N LEU A 179 13.76 -8.86 1.98
CA LEU A 179 14.98 -9.61 2.34
C LEU A 179 15.29 -10.82 1.48
N LEU A 180 14.32 -11.33 0.76
CA LEU A 180 14.46 -12.52 -0.09
C LEU A 180 14.96 -12.11 -1.44
N THR A 181 14.91 -10.79 -1.80
CA THR A 181 14.97 -10.36 -3.18
C THR A 181 16.42 -10.01 -3.46
PB GDP B . -3.28 8.73 -1.11
O1B GDP B . -3.47 7.30 -1.51
O2B GDP B . -1.93 9.15 -0.70
O3B GDP B . -3.86 9.66 -2.24
O3A GDP B . -4.34 8.95 0.17
PA GDP B . -4.08 9.77 1.48
O1A GDP B . -3.15 9.09 2.41
O2A GDP B . -3.79 11.20 1.07
O5' GDP B . -5.54 9.70 2.13
C5' GDP B . -6.65 10.07 1.32
C4' GDP B . -7.83 10.41 2.26
O4' GDP B . -8.21 9.22 2.98
C3' GDP B . -7.58 11.45 3.30
O3' GDP B . -8.83 12.22 3.45
C2' GDP B . -7.32 10.65 4.51
O2' GDP B . -7.63 11.33 5.73
C1' GDP B . -8.17 9.43 4.35
N9 GDP B . -7.60 8.26 5.02
C8 GDP B . -6.37 7.71 4.80
N7 GDP B . -6.17 6.66 5.49
C5 GDP B . -7.35 6.35 6.16
C6 GDP B . -7.81 5.31 6.98
O6 GDP B . -7.11 4.35 7.38
N1 GDP B . -9.11 5.40 7.32
C2 GDP B . -9.90 6.44 6.98
N2 GDP B . -11.16 6.40 7.46
N3 GDP B . -9.59 7.47 6.19
C4 GDP B . -8.29 7.39 5.78
MG MG C . -0.57 10.52 -1.36
S SO4 D . -4.79 8.27 -9.84
O1 SO4 D . -5.74 7.34 -9.19
O2 SO4 D . -4.87 9.54 -9.00
O3 SO4 D . -3.44 7.62 -10.13
O4 SO4 D . -5.45 8.58 -11.19
#